data_6I4J
#
_entry.id   6I4J
#
_cell.length_a   68.560
_cell.length_b   71.350
_cell.length_c   109.670
_cell.angle_alpha   90.000
_cell.angle_beta   90.000
_cell.angle_gamma   90.000
#
_symmetry.space_group_name_H-M   'P 21 2 21'
#
loop_
_entity.id
_entity.type
_entity.pdbx_description
1 polymer Actin-1
2 polymer Gelsolin
3 non-polymer "ADENOSINE-5'-DIPHOSPHATE"
4 non-polymer 'MAGNESIUM ION'
5 non-polymer 'THIOCYANATE ION'
6 non-polymer 2-[BIS-(2-HYDROXY-ETHYL)-AMINO]-2-HYDROXYMETHYL-PROPANE-1,3-DIOL
7 non-polymer 'POTASSIUM ION'
8 non-polymer 'CALCIUM ION'
9 water water
#
loop_
_entity_poly.entity_id
_entity_poly.type
_entity_poly.pdbx_seq_one_letter_code
_entity_poly.pdbx_strand_id
1 'polypeptide(L)'
;GAMGEEDVQALVVDNGSGNVKAGVAGDDAPRSVFPSIVGRPKNPGIMVGMEEKDAYVGDEAQTKRGILTLKYPIEHGIVT
NWDDMEKIWHHTFYNELRAAPEEHPVLLTEAPLNPKGNRERMTQIMFESFNVPAMYVAIQAVLSLYSSGRTTGIVLDSGD
GVSHTVPIYEGYALPHAIMRLDLAGRDLTEYLMKILHERGYGFSTSAEKEIVRDIKEKLCYIALNFDEEMKTSEQSSDIE
KSYELPDGNIITVGNERFRCPEALFQPSFLGKEAAGIHTTTFNSIKKCDVDIRKDLYGNIVLSGGTTMYEGIGERLTRDI
TTLAPSTMKIKVVAPPERKYSVWIGGSILSSLSTFQQMWITKEEYDESGPSIVHRKCF
;
A
2 'polypeptide(L)'
;GPMVVEHPEFLKAGKEPGLQIWRVEKFDLVPVPPNLYGDFFTGDAYVILKTVQLRNGNLQYDLHYWLGNECSQDESGAAA
IFTVQLDDYLNGRAVQHREVQGFESSTFSGYFKSGLKYKKGGVASGF
;
G
#
loop_
_chem_comp.id
_chem_comp.type
_chem_comp.name
_chem_comp.formula
ADP non-polymer ADENOSINE-5'-DIPHOSPHATE 'C10 H15 N5 O10 P2'
BTB non-polymer 2-[BIS-(2-HYDROXY-ETHYL)-AMINO]-2-HYDROXYMETHYL-PROPANE-1,3-DIOL 'C8 H19 N O5'
CA non-polymer 'CALCIUM ION' 'Ca 2'
K non-polymer 'POTASSIUM ION' 'K 1'
MG non-polymer 'MAGNESIUM ION' 'Mg 2'
SCN non-polymer 'THIOCYANATE ION' 'C N S -1'
#
# COMPACT_ATOMS: atom_id res chain seq x y z
N VAL A 8 10.20 3.58 23.25
N VAL A 8 9.74 3.58 22.96
CA VAL A 8 10.55 2.39 22.48
CA VAL A 8 10.23 2.35 22.35
C VAL A 8 10.15 2.59 21.03
C VAL A 8 9.83 2.27 20.88
N GLN A 9 10.83 1.90 20.12
N GLN A 9 10.82 2.29 20.00
CA GLN A 9 10.59 2.02 18.69
CA GLN A 9 10.55 2.15 18.58
C GLN A 9 9.81 0.82 18.15
C GLN A 9 9.69 0.92 18.32
N ALA A 10 8.72 1.09 17.45
CA ALA A 10 7.90 0.01 16.98
C ALA A 10 8.55 -0.72 15.82
N LEU A 11 8.15 -1.99 15.65
CA LEU A 11 8.54 -2.82 14.53
C LEU A 11 7.36 -2.83 13.58
N VAL A 12 7.62 -2.79 12.28
CA VAL A 12 6.61 -2.75 11.25
C VAL A 12 6.80 -3.97 10.35
N VAL A 13 5.76 -4.79 10.29
CA VAL A 13 5.77 -6.04 9.56
C VAL A 13 4.59 -6.03 8.59
N ASP A 14 4.91 -6.02 7.29
CA ASP A 14 3.93 -6.13 6.20
C ASP A 14 3.96 -7.59 5.74
N ASN A 15 2.87 -8.30 5.99
CA ASN A 15 2.76 -9.74 5.76
C ASN A 15 2.34 -10.00 4.32
N GLY A 16 3.28 -9.89 3.42
CA GLY A 16 2.98 -9.99 2.01
C GLY A 16 2.81 -11.42 1.58
N SER A 17 1.89 -11.62 0.61
CA SER A 17 1.64 -12.94 0.01
C SER A 17 2.90 -13.52 -0.60
N GLY A 18 3.78 -12.67 -1.12
CA GLY A 18 4.99 -13.18 -1.73
C GLY A 18 6.24 -12.90 -0.95
N ASN A 19 6.34 -11.72 -0.37
CA ASN A 19 7.51 -11.36 0.42
C ASN A 19 7.06 -10.59 1.65
N VAL A 20 7.64 -10.93 2.80
CA VAL A 20 7.54 -10.09 4.00
C VAL A 20 8.40 -8.86 3.84
N LYS A 21 7.85 -7.68 4.18
CA LYS A 21 8.63 -6.47 4.35
C LYS A 21 8.64 -6.11 5.82
N ALA A 22 9.84 -5.93 6.38
CA ALA A 22 9.91 -5.65 7.80
C ALA A 22 10.99 -4.65 8.09
N GLY A 23 10.82 -3.98 9.23
CA GLY A 23 11.78 -3.00 9.65
C GLY A 23 11.30 -2.23 10.85
N VAL A 24 11.88 -1.04 11.03
CA VAL A 24 11.67 -0.24 12.22
C VAL A 24 10.93 1.03 11.84
N ALA A 25 10.00 1.42 12.70
CA ALA A 25 9.27 2.67 12.56
C ALA A 25 10.24 3.83 12.42
N GLY A 26 9.95 4.66 11.44
CA GLY A 26 10.75 5.86 11.25
C GLY A 26 11.72 5.76 10.11
N ASP A 27 11.94 4.55 9.58
CA ASP A 27 12.72 4.37 8.37
C ASP A 27 11.86 4.62 7.15
N ASP A 28 12.51 5.05 6.08
CA ASP A 28 11.80 5.34 4.87
C ASP A 28 11.61 4.13 3.95
N ALA A 29 12.02 2.94 4.36
CA ALA A 29 11.87 1.74 3.56
C ALA A 29 12.16 0.54 4.46
N PRO A 30 11.67 -0.63 4.10
CA PRO A 30 11.94 -1.82 4.94
C PRO A 30 13.39 -2.25 4.85
N ARG A 31 13.98 -2.59 5.99
CA ARG A 31 15.34 -3.09 5.96
C ARG A 31 15.41 -4.58 5.63
N SER A 32 14.31 -5.31 5.78
CA SER A 32 14.28 -6.74 5.55
C SER A 32 13.18 -7.02 4.54
N VAL A 33 13.53 -7.68 3.43
CA VAL A 33 12.54 -8.17 2.48
C VAL A 33 12.91 -9.60 2.12
N PHE A 34 11.99 -10.53 2.35
CA PHE A 34 12.36 -11.92 2.11
C PHE A 34 11.12 -12.73 1.73
N PRO A 35 11.30 -13.86 1.04
CA PRO A 35 10.13 -14.59 0.51
C PRO A 35 9.33 -15.23 1.61
N SER A 36 8.01 -15.14 1.47
N SER A 36 8.02 -15.21 1.41
CA SER A 36 7.08 -15.70 2.45
CA SER A 36 7.06 -15.71 2.38
C SER A 36 6.90 -17.20 2.16
C SER A 36 6.89 -17.21 2.16
N ILE A 37 7.97 -17.93 2.44
CA ILE A 37 8.08 -19.36 2.16
C ILE A 37 8.68 -20.04 3.37
N VAL A 38 8.14 -21.22 3.69
CA VAL A 38 8.65 -22.07 4.75
C VAL A 38 9.00 -23.43 4.16
N GLY A 39 10.21 -23.89 4.46
CA GLY A 39 10.71 -25.17 3.97
C GLY A 39 10.92 -26.11 5.15
N ARG A 40 10.36 -27.31 5.00
CA ARG A 40 10.51 -28.34 6.01
C ARG A 40 11.11 -29.59 5.38
N PRO A 41 11.97 -30.32 6.12
CA PRO A 41 12.57 -31.55 5.57
C PRO A 41 11.61 -32.44 4.80
N LYS A 42 12.05 -32.91 3.64
CA LYS A 42 11.26 -33.85 2.86
C LYS A 42 11.13 -35.19 3.58
N ASN A 43 12.26 -35.76 4.03
CA ASN A 43 12.24 -37.00 4.79
C ASN A 43 12.91 -36.78 6.15
N ASP A 54 12.17 -28.91 12.65
CA ASP A 54 12.78 -27.63 12.32
C ASP A 54 12.33 -27.13 10.93
N ALA A 55 12.59 -25.87 10.64
CA ALA A 55 12.05 -25.25 9.44
C ALA A 55 12.97 -24.12 9.00
N TYR A 56 13.01 -23.91 7.69
CA TYR A 56 13.80 -22.86 7.08
C TYR A 56 12.86 -21.89 6.38
N VAL A 57 13.21 -20.61 6.47
CA VAL A 57 12.35 -19.55 6.00
C VAL A 57 13.08 -18.72 4.98
N GLY A 58 12.35 -18.26 3.96
CA GLY A 58 12.85 -17.23 3.09
C GLY A 58 13.90 -17.74 2.13
N ASP A 59 14.95 -16.91 1.96
CA ASP A 59 16.03 -17.26 1.05
C ASP A 59 16.71 -18.56 1.45
N GLU A 60 16.93 -18.76 2.75
CA GLU A 60 17.54 -20.00 3.22
C GLU A 60 16.78 -21.22 2.72
N ALA A 61 15.45 -21.11 2.67
CA ALA A 61 14.62 -22.23 2.26
C ALA A 61 14.74 -22.47 0.76
N GLN A 62 14.85 -21.40 -0.01
CA GLN A 62 15.07 -21.55 -1.45
C GLN A 62 16.42 -22.18 -1.73
N THR A 63 17.46 -21.76 -1.01
CA THR A 63 18.79 -22.32 -1.22
C THR A 63 18.80 -23.83 -0.98
N LYS A 64 17.88 -24.32 -0.16
CA LYS A 64 17.82 -25.73 0.19
C LYS A 64 16.60 -26.43 -0.38
N ARG A 65 16.04 -25.90 -1.48
CA ARG A 65 14.85 -26.50 -2.05
C ARG A 65 15.06 -27.97 -2.39
N GLY A 66 16.31 -28.38 -2.63
CA GLY A 66 16.59 -29.78 -2.88
C GLY A 66 16.12 -30.69 -1.76
N ILE A 67 16.43 -30.32 -0.51
CA ILE A 67 16.17 -31.17 0.63
C ILE A 67 14.95 -30.71 1.44
N LEU A 68 14.15 -29.79 0.89
CA LEU A 68 12.98 -29.27 1.60
C LEU A 68 11.76 -29.33 0.69
N THR A 69 10.60 -29.51 1.31
CA THR A 69 9.32 -29.23 0.69
C THR A 69 8.96 -27.78 1.02
N LEU A 70 8.71 -26.96 0.01
CA LEU A 70 8.46 -25.54 0.20
C LEU A 70 6.98 -25.19 0.12
N LYS A 71 6.55 -24.31 1.02
CA LYS A 71 5.15 -23.94 1.17
C LYS A 71 5.01 -22.44 1.38
N TYR A 72 3.92 -21.88 0.83
CA TYR A 72 3.52 -20.49 0.98
C TYR A 72 2.40 -20.42 1.99
N PRO A 73 2.63 -19.94 3.22
CA PRO A 73 1.52 -19.92 4.20
C PRO A 73 0.55 -18.79 4.03
N ILE A 74 0.81 -17.79 3.19
N ILE A 74 0.82 -17.82 3.15
N ILE A 74 0.79 -17.84 3.15
CA ILE A 74 -0.08 -16.64 3.07
CA ILE A 74 -0.06 -16.69 2.88
CA ILE A 74 -0.09 -16.70 2.99
C ILE A 74 -0.25 -16.34 1.58
C ILE A 74 -0.18 -16.52 1.37
C ILE A 74 -0.22 -16.46 1.50
N GLU A 75 -0.44 -17.41 0.82
N GLU A 75 -0.52 -17.58 0.66
N GLU A 75 -0.51 -17.54 0.78
CA GLU A 75 -0.35 -17.42 -0.64
CA GLU A 75 -0.42 -17.57 -0.79
CA GLU A 75 -0.45 -17.57 -0.68
C GLU A 75 -1.16 -16.31 -1.31
C GLU A 75 -1.24 -16.47 -1.44
C GLU A 75 -1.18 -16.37 -1.30
N HIS A 76 -2.41 -16.11 -0.88
CA HIS A 76 -3.26 -15.07 -1.45
C HIS A 76 -3.56 -13.94 -0.48
N GLY A 77 -2.66 -13.72 0.47
CA GLY A 77 -2.79 -12.62 1.38
C GLY A 77 -3.54 -12.96 2.66
N ILE A 78 -4.14 -14.14 2.72
CA ILE A 78 -4.81 -14.65 3.92
C ILE A 78 -3.96 -15.79 4.46
N VAL A 79 -3.67 -15.77 5.76
CA VAL A 79 -2.87 -16.83 6.36
C VAL A 79 -3.68 -18.12 6.37
N THR A 80 -3.10 -19.18 5.84
CA THR A 80 -3.76 -20.49 5.83
C THR A 80 -3.04 -21.56 6.62
N ASN A 81 -1.78 -21.35 7.00
CA ASN A 81 -1.05 -22.32 7.79
C ASN A 81 -0.40 -21.53 8.93
N TRP A 82 -1.00 -21.61 10.11
CA TRP A 82 -0.54 -20.82 11.23
C TRP A 82 0.78 -21.30 11.80
N ASP A 83 1.08 -22.61 11.74
CA ASP A 83 2.38 -23.04 12.22
C ASP A 83 3.50 -22.45 11.36
N ASP A 84 3.32 -22.48 10.04
CA ASP A 84 4.32 -21.94 9.14
C ASP A 84 4.39 -20.41 9.27
N MET A 85 3.23 -19.76 9.44
CA MET A 85 3.23 -18.31 9.59
C MET A 85 3.98 -17.91 10.84
N GLU A 86 3.82 -18.67 11.92
CA GLU A 86 4.60 -18.37 13.11
C GLU A 86 6.11 -18.51 12.88
N LYS A 87 6.52 -19.50 12.06
CA LYS A 87 7.93 -19.60 11.70
C LYS A 87 8.40 -18.39 10.93
N ILE A 88 7.55 -17.88 10.02
CA ILE A 88 7.92 -16.68 9.29
C ILE A 88 8.10 -15.51 10.25
N TRP A 89 7.17 -15.36 11.21
CA TRP A 89 7.32 -14.25 12.15
C TRP A 89 8.55 -14.44 13.04
N HIS A 90 8.84 -15.68 13.49
CA HIS A 90 10.05 -15.85 14.28
C HIS A 90 11.27 -15.50 13.47
N HIS A 91 11.31 -15.90 12.19
CA HIS A 91 12.41 -15.54 11.31
C HIS A 91 12.53 -14.01 11.19
N THR A 92 11.39 -13.34 11.06
CA THR A 92 11.41 -11.89 10.94
C THR A 92 12.11 -11.24 12.15
N PHE A 93 11.65 -11.59 13.36
CA PHE A 93 12.17 -10.94 14.57
C PHE A 93 13.60 -11.35 14.85
N TYR A 94 13.91 -12.66 14.74
CA TYR A 94 15.19 -13.12 15.27
C TYR A 94 16.29 -13.20 14.23
N ASN A 95 15.97 -13.62 13.01
N ASN A 95 15.99 -13.63 13.01
CA ASN A 95 17.01 -13.74 11.99
CA ASN A 95 17.04 -13.71 11.99
C ASN A 95 17.18 -12.50 11.12
C ASN A 95 17.23 -12.38 11.27
N GLU A 96 16.13 -11.71 10.95
CA GLU A 96 16.20 -10.53 10.09
C GLU A 96 16.43 -9.26 10.89
N LEU A 97 15.54 -8.95 11.84
CA LEU A 97 15.67 -7.72 12.61
C LEU A 97 16.58 -7.83 13.81
N ARG A 98 16.73 -9.02 14.36
CA ARG A 98 17.43 -9.23 15.63
C ARG A 98 16.80 -8.44 16.79
N ALA A 99 15.45 -8.45 16.82
CA ALA A 99 14.69 -7.64 17.75
C ALA A 99 13.91 -8.59 18.65
N ALA A 100 13.83 -8.23 19.93
CA ALA A 100 13.02 -9.00 20.86
C ALA A 100 11.57 -8.57 20.68
N PRO A 101 10.71 -9.43 20.15
CA PRO A 101 9.33 -8.99 19.95
C PRO A 101 8.65 -8.65 21.26
N GLU A 102 9.11 -9.25 22.35
CA GLU A 102 8.47 -9.01 23.63
C GLU A 102 8.86 -7.67 24.24
N GLU A 103 9.68 -6.90 23.53
CA GLU A 103 10.12 -5.60 24.04
C GLU A 103 9.80 -4.44 23.10
N HIS A 104 9.02 -4.68 22.05
CA HIS A 104 8.68 -3.61 21.10
C HIS A 104 7.21 -3.67 20.77
N PRO A 105 6.57 -2.50 20.62
CA PRO A 105 5.26 -2.48 19.95
C PRO A 105 5.45 -2.96 18.51
N VAL A 106 4.42 -3.62 17.99
CA VAL A 106 4.46 -4.17 16.64
C VAL A 106 3.24 -3.69 15.86
N LEU A 107 3.50 -3.14 14.66
CA LEU A 107 2.44 -2.89 13.71
C LEU A 107 2.46 -3.99 12.65
N LEU A 108 1.35 -4.69 12.50
CA LEU A 108 1.21 -5.77 11.53
C LEU A 108 0.18 -5.37 10.50
N THR A 109 0.44 -5.74 9.25
CA THR A 109 -0.54 -5.41 8.22
C THR A 109 -1.42 -6.62 7.91
N GLU A 110 -2.60 -6.34 7.35
CA GLU A 110 -3.48 -7.41 6.93
C GLU A 110 -4.11 -7.02 5.60
N ALA A 111 -4.54 -8.06 4.90
CA ALA A 111 -5.19 -7.87 3.61
C ALA A 111 -6.54 -7.19 3.78
N PRO A 112 -6.99 -6.46 2.77
CA PRO A 112 -8.39 -6.03 2.74
C PRO A 112 -9.29 -7.25 2.84
N LEU A 113 -10.38 -7.10 3.58
CA LEU A 113 -11.39 -8.15 3.78
C LEU A 113 -10.85 -9.34 4.56
N ASN A 114 -9.72 -9.20 5.25
CA ASN A 114 -9.26 -10.29 6.10
C ASN A 114 -10.37 -10.59 7.10
N PRO A 115 -10.77 -11.87 7.27
CA PRO A 115 -11.78 -12.17 8.29
C PRO A 115 -11.30 -11.81 9.69
N LYS A 116 -12.24 -11.33 10.50
CA LYS A 116 -11.98 -11.04 11.89
C LYS A 116 -11.39 -12.23 12.63
N GLY A 117 -11.81 -13.45 12.31
CA GLY A 117 -11.26 -14.60 13.02
C GLY A 117 -9.79 -14.80 12.70
N ASN A 118 -9.40 -14.48 11.48
N ASN A 118 -9.36 -14.44 11.49
CA ASN A 118 -8.00 -14.51 11.08
CA ASN A 118 -7.94 -14.46 11.16
C ASN A 118 -7.20 -13.50 11.88
C ASN A 118 -7.19 -13.36 11.91
N ARG A 119 -7.66 -12.24 11.91
N ARG A 119 -7.74 -12.14 11.95
CA ARG A 119 -7.02 -11.21 12.70
CA ARG A 119 -7.09 -11.09 12.73
C ARG A 119 -6.86 -11.65 14.16
C ARG A 119 -6.93 -11.51 14.18
N GLU A 120 -7.94 -12.18 14.73
CA GLU A 120 -7.90 -12.60 16.13
C GLU A 120 -6.85 -13.67 16.37
N ARG A 121 -6.67 -14.57 15.40
CA ARG A 121 -5.64 -15.62 15.54
C ARG A 121 -4.25 -15.03 15.44
N MET A 122 -4.03 -14.10 14.53
N MET A 122 -4.03 -14.11 14.50
CA MET A 122 -2.72 -13.44 14.49
CA MET A 122 -2.78 -13.35 14.43
C MET A 122 -2.45 -12.68 15.79
C MET A 122 -2.48 -12.68 15.77
N THR A 123 -3.48 -12.01 16.32
CA THR A 123 -3.33 -11.26 17.56
C THR A 123 -3.01 -12.20 18.70
N GLN A 124 -3.68 -13.34 18.75
N GLN A 124 -3.66 -13.35 18.74
CA GLN A 124 -3.38 -14.31 19.79
CA GLN A 124 -3.37 -14.32 19.79
C GLN A 124 -1.92 -14.77 19.72
C GLN A 124 -1.93 -14.82 19.72
N ILE A 125 -1.44 -15.09 18.51
CA ILE A 125 -0.06 -15.56 18.36
C ILE A 125 0.92 -14.47 18.80
N MET A 126 0.65 -13.23 18.40
CA MET A 126 1.54 -12.15 18.77
C MET A 126 1.58 -11.95 20.29
N PHE A 127 0.41 -11.96 20.95
CA PHE A 127 0.37 -11.70 22.39
C PHE A 127 0.75 -12.90 23.24
N GLU A 128 0.59 -14.12 22.72
N GLU A 128 0.48 -14.11 22.78
CA GLU A 128 0.79 -15.32 23.54
CA GLU A 128 0.66 -15.27 23.65
C GLU A 128 1.92 -16.24 23.07
C GLU A 128 1.88 -16.09 23.33
N SER A 129 2.31 -16.19 21.80
N SER A 129 2.32 -16.13 22.08
CA SER A 129 3.48 -16.91 21.32
CA SER A 129 3.55 -16.83 21.73
C SER A 129 4.74 -16.05 21.28
C SER A 129 4.73 -15.88 21.71
N PHE A 130 4.59 -14.75 21.04
CA PHE A 130 5.72 -13.82 21.00
C PHE A 130 5.69 -12.77 22.12
N ASN A 131 4.64 -12.71 22.94
CA ASN A 131 4.54 -11.83 24.09
C ASN A 131 4.76 -10.35 23.73
N VAL A 132 4.30 -9.98 22.54
N VAL A 132 4.30 -9.98 22.54
CA VAL A 132 4.41 -8.59 22.10
CA VAL A 132 4.51 -8.59 22.16
C VAL A 132 3.74 -7.68 23.15
C VAL A 132 3.77 -7.69 23.14
N PRO A 133 4.36 -6.56 23.55
CA PRO A 133 3.75 -5.75 24.63
C PRO A 133 2.61 -4.87 24.15
N ALA A 134 2.55 -4.59 22.85
CA ALA A 134 1.48 -3.79 22.31
C ALA A 134 1.47 -4.04 20.80
N MET A 135 0.28 -3.97 20.21
N MET A 135 0.28 -4.01 20.21
CA MET A 135 0.13 -4.31 18.80
CA MET A 135 0.25 -4.19 18.76
C MET A 135 -0.94 -3.43 18.17
C MET A 135 -0.91 -3.42 18.17
N TYR A 136 -0.77 -3.19 16.88
CA TYR A 136 -1.80 -2.52 16.10
C TYR A 136 -1.84 -3.24 14.77
N VAL A 137 -3.07 -3.51 14.27
CA VAL A 137 -3.26 -4.17 12.97
C VAL A 137 -3.83 -3.16 11.99
N ALA A 138 -3.15 -2.99 10.86
CA ALA A 138 -3.53 -2.02 9.86
C ALA A 138 -3.88 -2.70 8.55
N ILE A 139 -4.90 -2.14 7.87
CA ILE A 139 -5.22 -2.61 6.52
C ILE A 139 -4.18 -2.11 5.52
N GLN A 140 -3.63 -3.02 4.72
CA GLN A 140 -2.54 -2.67 3.80
C GLN A 140 -2.87 -1.48 2.90
N ALA A 141 -4.03 -1.53 2.24
CA ALA A 141 -4.32 -0.44 1.31
C ALA A 141 -4.50 0.90 2.03
N VAL A 142 -5.01 0.93 3.26
CA VAL A 142 -5.16 2.19 3.97
C VAL A 142 -3.79 2.82 4.23
N LEU A 143 -2.82 1.97 4.60
CA LEU A 143 -1.47 2.49 4.80
C LEU A 143 -0.92 3.09 3.53
N SER A 144 -1.13 2.42 2.39
N SER A 144 -1.19 2.43 2.38
CA SER A 144 -0.65 2.99 1.13
CA SER A 144 -0.72 2.91 1.07
C SER A 144 -1.31 4.35 0.87
C SER A 144 -1.34 4.25 0.72
N LEU A 145 -2.62 4.44 1.06
CA LEU A 145 -3.26 5.74 0.84
C LEU A 145 -2.60 6.82 1.70
N TYR A 146 -2.37 6.54 2.99
CA TYR A 146 -1.73 7.52 3.83
C TYR A 146 -0.32 7.85 3.35
N SER A 147 0.42 6.86 2.85
N SER A 147 0.44 6.85 2.87
CA SER A 147 1.78 7.13 2.36
CA SER A 147 1.77 7.11 2.32
C SER A 147 1.78 8.04 1.13
C SER A 147 1.72 8.17 1.23
N SER A 148 0.63 8.17 0.46
CA SER A 148 0.46 9.09 -0.68
C SER A 148 -0.02 10.46 -0.23
N GLY A 149 -0.20 10.70 1.05
CA GLY A 149 -0.61 12.02 1.53
C GLY A 149 -2.09 12.26 1.31
N ARG A 150 -2.91 11.21 1.42
CA ARG A 150 -4.35 11.34 1.21
C ARG A 150 -5.14 10.64 2.30
N THR A 151 -6.35 11.13 2.53
CA THR A 151 -7.33 10.42 3.37
C THR A 151 -8.49 9.80 2.59
N THR A 152 -8.68 10.24 1.36
CA THR A 152 -9.75 9.75 0.49
C THR A 152 -9.13 9.36 -0.86
N GLY A 153 -9.51 8.21 -1.35
CA GLY A 153 -9.08 7.70 -2.65
C GLY A 153 -9.47 6.26 -2.77
N ILE A 154 -9.14 5.68 -3.91
CA ILE A 154 -9.25 4.24 -4.11
C ILE A 154 -7.86 3.71 -4.42
N VAL A 155 -7.44 2.72 -3.64
CA VAL A 155 -6.15 2.11 -3.81
C VAL A 155 -6.31 0.85 -4.63
N LEU A 156 -5.47 0.72 -5.65
N LEU A 156 -5.52 0.76 -5.69
CA LEU A 156 -5.36 -0.50 -6.44
CA LEU A 156 -5.34 -0.46 -6.45
C LEU A 156 -4.03 -1.13 -6.06
C LEU A 156 -4.03 -1.02 -5.94
N ASP A 157 -4.10 -2.11 -5.17
CA ASP A 157 -2.92 -2.77 -4.62
C ASP A 157 -2.79 -4.10 -5.35
N SER A 158 -1.78 -4.23 -6.20
CA SER A 158 -1.50 -5.51 -6.87
C SER A 158 -0.15 -6.02 -6.37
N GLY A 159 -0.19 -7.14 -5.66
CA GLY A 159 1.00 -7.76 -5.13
C GLY A 159 1.38 -9.07 -5.83
N ASP A 160 1.77 -10.11 -5.08
N ASP A 160 1.76 -10.08 -5.04
CA ASP A 160 2.24 -11.34 -5.70
CA ASP A 160 2.27 -11.34 -5.55
C ASP A 160 1.11 -12.36 -5.87
C ASP A 160 1.14 -12.32 -5.82
N GLY A 161 0.32 -12.59 -4.81
CA GLY A 161 -0.74 -13.57 -4.92
C GLY A 161 -2.12 -13.01 -4.81
N VAL A 162 -2.26 -11.69 -4.74
CA VAL A 162 -3.58 -11.13 -4.60
C VAL A 162 -3.51 -9.65 -4.98
N SER A 163 -4.62 -9.14 -5.48
CA SER A 163 -4.83 -7.76 -5.79
C SER A 163 -6.20 -7.36 -5.26
N HIS A 164 -6.32 -6.10 -4.88
CA HIS A 164 -7.58 -5.59 -4.40
C HIS A 164 -7.70 -4.15 -4.83
N THR A 165 -8.97 -3.72 -5.01
CA THR A 165 -9.32 -2.30 -5.11
C THR A 165 -10.10 -1.89 -3.87
N VAL A 166 -9.62 -0.85 -3.21
CA VAL A 166 -10.09 -0.50 -1.87
C VAL A 166 -10.48 0.99 -1.79
N PRO A 167 -11.74 1.32 -1.95
CA PRO A 167 -12.17 2.70 -1.72
C PRO A 167 -12.07 3.06 -0.26
N ILE A 168 -11.55 4.25 0.00
CA ILE A 168 -11.34 4.79 1.35
C ILE A 168 -11.87 6.24 1.40
N TYR A 169 -12.67 6.54 2.41
CA TYR A 169 -13.22 7.88 2.58
C TYR A 169 -12.88 8.44 3.94
N GLU A 170 -12.17 9.56 3.97
CA GLU A 170 -11.88 10.27 5.20
C GLU A 170 -11.19 9.34 6.20
N GLY A 171 -10.32 8.53 5.68
CA GLY A 171 -9.43 7.73 6.48
C GLY A 171 -9.80 6.27 6.57
N TYR A 172 -11.05 5.89 6.21
N TYR A 172 -11.03 5.89 6.21
CA TYR A 172 -11.58 4.55 6.46
CA TYR A 172 -11.51 4.54 6.42
C TYR A 172 -12.08 3.85 5.22
C TYR A 172 -11.95 3.87 5.14
N ALA A 173 -11.64 2.59 5.05
CA ALA A 173 -12.03 1.80 3.92
C ALA A 173 -13.52 1.59 3.98
N LEU A 174 -14.11 1.44 2.80
CA LEU A 174 -15.54 1.19 2.70
C LEU A 174 -15.73 -0.28 2.38
N PRO A 175 -16.02 -1.11 3.39
CA PRO A 175 -15.91 -2.54 3.21
C PRO A 175 -16.80 -3.10 2.15
N HIS A 176 -18.00 -2.50 1.95
CA HIS A 176 -18.94 -3.02 0.96
C HIS A 176 -18.52 -2.77 -0.48
N ALA A 177 -17.44 -2.03 -0.69
CA ALA A 177 -16.98 -1.68 -2.03
C ALA A 177 -15.63 -2.28 -2.41
N ILE A 178 -14.95 -2.94 -1.47
CA ILE A 178 -13.68 -3.58 -1.76
C ILE A 178 -13.90 -4.76 -2.67
N MET A 179 -13.01 -4.93 -3.65
N MET A 179 -13.11 -4.83 -3.74
N MET A 179 -13.09 -4.85 -3.73
CA MET A 179 -13.08 -6.06 -4.57
CA MET A 179 -13.17 -5.88 -4.73
CA MET A 179 -13.03 -6.00 -4.61
C MET A 179 -11.72 -6.75 -4.65
C MET A 179 -11.84 -6.60 -4.77
C MET A 179 -11.73 -6.74 -4.37
N ARG A 180 -11.75 -8.08 -4.49
N ARG A 180 -11.89 -7.86 -5.18
N ARG A 180 -11.81 -8.06 -4.42
CA ARG A 180 -10.56 -8.92 -4.50
CA ARG A 180 -10.69 -8.63 -5.49
CA ARG A 180 -10.65 -8.93 -4.39
C ARG A 180 -10.42 -9.58 -5.85
C ARG A 180 -10.55 -8.73 -7.00
C ARG A 180 -10.49 -9.57 -5.76
N LEU A 181 -9.22 -9.49 -6.43
N LEU A 181 -9.40 -8.29 -7.53
N LEU A 181 -9.23 -9.76 -6.16
CA LEU A 181 -8.87 -10.20 -7.64
CA LEU A 181 -9.03 -8.59 -8.91
CA LEU A 181 -8.89 -10.32 -7.47
C LEU A 181 -7.86 -11.27 -7.27
C LEU A 181 -8.41 -9.98 -8.93
C LEU A 181 -7.91 -11.46 -7.30
N ASP A 182 -8.16 -12.53 -7.61
N ASP A 182 -8.91 -10.85 -9.82
N ASP A 182 -8.25 -12.62 -7.88
CA ASP A 182 -7.19 -13.61 -7.44
CA ASP A 182 -8.63 -12.29 -9.71
CA ASP A 182 -7.30 -13.72 -7.98
C ASP A 182 -6.26 -13.60 -8.65
C ASP A 182 -7.30 -12.73 -10.34
C ASP A 182 -6.50 -13.55 -9.27
N LEU A 183 -5.72 -12.43 -8.95
N LEU A 183 -6.26 -11.91 -10.23
N LEU A 183 -5.69 -12.50 -9.27
CA LEU A 183 -4.92 -12.23 -10.14
CA LEU A 183 -4.92 -12.32 -10.62
CA LEU A 183 -4.92 -12.13 -10.45
C LEU A 183 -3.89 -11.20 -9.76
C LEU A 183 -3.93 -11.35 -10.00
C LEU A 183 -3.86 -11.13 -10.06
N ALA A 184 -2.62 -11.58 -9.80
N ALA A 184 -2.64 -11.73 -10.02
N ALA A 184 -2.64 -11.61 -9.84
CA ALA A 184 -1.59 -10.64 -9.42
CA ALA A 184 -1.61 -10.91 -9.40
CA ALA A 184 -1.58 -10.73 -9.37
C ALA A 184 -0.27 -11.10 -10.05
C ALA A 184 -0.25 -11.23 -10.04
C ALA A 184 -0.28 -11.08 -10.06
N GLY A 185 0.84 -10.77 -9.41
CA GLY A 185 2.13 -10.88 -10.04
C GLY A 185 2.55 -12.32 -10.34
N ARG A 186 2.24 -13.23 -9.41
N ARG A 186 2.22 -13.23 -9.43
N ARG A 186 2.22 -13.25 -9.43
CA ARG A 186 2.59 -14.63 -9.61
CA ARG A 186 2.61 -14.63 -9.62
CA ARG A 186 2.63 -14.63 -9.65
C ARG A 186 1.91 -15.18 -10.85
C ARG A 186 1.89 -15.24 -10.82
C ARG A 186 1.90 -15.24 -10.84
N ASP A 187 0.64 -14.82 -11.06
CA ASP A 187 -0.07 -15.26 -12.26
C ASP A 187 0.63 -14.74 -13.50
N LEU A 188 1.13 -13.50 -13.44
CA LEU A 188 1.84 -12.95 -14.58
C LEU A 188 3.16 -13.67 -14.84
N THR A 189 3.93 -14.02 -13.78
CA THR A 189 5.15 -14.77 -13.99
C THR A 189 4.81 -16.11 -14.67
N GLU A 190 3.77 -16.76 -14.18
CA GLU A 190 3.38 -18.05 -14.76
C GLU A 190 2.94 -17.90 -16.21
N TYR A 191 2.25 -16.78 -16.53
CA TYR A 191 1.82 -16.56 -17.89
C TYR A 191 3.00 -16.27 -18.80
N LEU A 192 3.98 -15.52 -18.32
CA LEU A 192 5.18 -15.32 -19.14
C LEU A 192 5.89 -16.66 -19.38
N MET A 193 6.00 -17.49 -18.35
CA MET A 193 6.55 -18.82 -18.51
C MET A 193 5.83 -19.59 -19.61
N LYS A 194 4.51 -19.49 -19.63
CA LYS A 194 3.72 -20.17 -20.62
C LYS A 194 4.01 -19.65 -22.02
N ILE A 195 3.92 -18.33 -22.22
CA ILE A 195 3.98 -17.82 -23.58
C ILE A 195 5.40 -17.86 -24.12
N LEU A 196 6.40 -17.94 -23.27
CA LEU A 196 7.75 -18.13 -23.77
C LEU A 196 7.95 -19.49 -24.46
N HIS A 197 7.04 -20.43 -24.26
CA HIS A 197 7.11 -21.66 -25.05
C HIS A 197 6.93 -21.42 -26.54
N GLU A 198 6.38 -20.27 -26.95
CA GLU A 198 6.23 -20.00 -28.38
C GLU A 198 7.59 -19.87 -29.06
N ARG A 199 8.57 -19.32 -28.34
CA ARG A 199 9.92 -19.06 -28.78
C ARG A 199 10.82 -20.25 -28.52
N GLY A 200 10.29 -21.30 -27.89
CA GLY A 200 11.01 -22.52 -27.60
C GLY A 200 11.57 -22.64 -26.20
N TYR A 201 11.29 -21.68 -25.32
CA TYR A 201 11.78 -21.76 -23.95
C TYR A 201 10.92 -22.69 -23.12
N GLY A 202 11.59 -23.47 -22.29
CA GLY A 202 10.92 -24.37 -21.38
C GLY A 202 11.32 -24.10 -19.95
N PHE A 203 10.85 -22.99 -19.40
CA PHE A 203 11.03 -22.70 -17.99
C PHE A 203 9.88 -23.36 -17.23
N SER A 204 10.22 -24.16 -16.21
CA SER A 204 9.15 -24.85 -15.51
C SER A 204 9.49 -25.14 -14.05
N THR A 205 10.77 -25.25 -13.70
CA THR A 205 11.03 -25.54 -12.30
C THR A 205 10.84 -24.30 -11.42
N SER A 206 10.72 -24.54 -10.12
CA SER A 206 10.60 -23.43 -9.17
C SER A 206 11.76 -22.44 -9.34
N ALA A 207 12.96 -22.94 -9.60
CA ALA A 207 14.09 -22.04 -9.76
C ALA A 207 14.04 -21.28 -11.08
N GLU A 208 13.52 -21.92 -12.12
CA GLU A 208 13.39 -21.22 -13.39
C GLU A 208 12.31 -20.15 -13.29
N LYS A 209 11.30 -20.43 -12.48
CA LYS A 209 10.23 -19.46 -12.25
C LYS A 209 10.76 -18.14 -11.64
N GLU A 210 11.75 -18.23 -10.73
N GLU A 210 11.66 -18.22 -10.67
CA GLU A 210 12.38 -17.02 -10.20
CA GLU A 210 12.22 -17.01 -10.11
C GLU A 210 13.14 -16.27 -11.29
C GLU A 210 13.02 -16.23 -11.16
N ILE A 211 13.77 -16.99 -12.21
N ILE A 211 13.63 -16.94 -12.12
CA ILE A 211 14.40 -16.35 -13.37
CA ILE A 211 14.34 -16.26 -13.20
C ILE A 211 13.35 -15.60 -14.19
C ILE A 211 13.35 -15.59 -14.17
N VAL A 212 12.26 -16.27 -14.50
CA VAL A 212 11.24 -15.66 -15.34
C VAL A 212 10.61 -14.47 -14.61
N ARG A 213 10.47 -14.55 -13.29
CA ARG A 213 10.01 -13.37 -12.55
C ARG A 213 10.92 -12.18 -12.79
N ASP A 214 12.25 -12.40 -12.75
CA ASP A 214 13.18 -11.30 -12.97
C ASP A 214 13.08 -10.81 -14.40
N ILE A 215 12.87 -11.72 -15.35
CA ILE A 215 12.72 -11.29 -16.76
C ILE A 215 11.50 -10.39 -16.88
N LYS A 216 10.41 -10.80 -16.25
CA LYS A 216 9.18 -10.01 -16.27
C LYS A 216 9.41 -8.62 -15.69
N GLU A 217 10.05 -8.53 -14.52
CA GLU A 217 10.25 -7.23 -13.90
C GLU A 217 11.16 -6.35 -14.75
N LYS A 218 12.17 -6.94 -15.37
CA LYS A 218 13.16 -6.18 -16.13
C LYS A 218 12.65 -5.73 -17.51
N LEU A 219 11.91 -6.58 -18.21
CA LEU A 219 11.61 -6.33 -19.61
C LEU A 219 10.16 -5.98 -19.90
N CYS A 220 9.22 -6.30 -19.03
CA CYS A 220 7.84 -6.15 -19.44
C CYS A 220 7.39 -4.69 -19.37
N TYR A 221 6.30 -4.40 -20.06
CA TYR A 221 5.68 -3.08 -19.98
C TYR A 221 4.25 -3.21 -20.42
N ILE A 222 3.44 -2.19 -20.12
CA ILE A 222 2.03 -2.18 -20.44
C ILE A 222 1.80 -1.27 -21.64
N ALA A 223 1.20 -1.86 -22.68
CA ALA A 223 0.87 -1.11 -23.89
C ALA A 223 -0.22 -0.07 -23.62
N LEU A 224 -0.08 1.10 -24.23
CA LEU A 224 -1.14 2.10 -24.12
C LEU A 224 -2.41 1.62 -24.83
N ASN A 225 -2.22 1.01 -26.01
CA ASN A 225 -3.31 0.39 -26.74
C ASN A 225 -2.80 -0.97 -27.23
N PHE A 226 -3.39 -2.02 -26.69
CA PHE A 226 -2.87 -3.34 -26.91
C PHE A 226 -2.87 -3.69 -28.40
N ASP A 227 -4.00 -3.46 -29.08
CA ASP A 227 -4.10 -3.86 -30.47
C ASP A 227 -3.10 -3.10 -31.32
N GLU A 228 -2.94 -1.80 -31.06
CA GLU A 228 -1.97 -1.03 -31.83
C GLU A 228 -0.54 -1.49 -31.56
N GLU A 229 -0.23 -1.87 -30.30
CA GLU A 229 1.11 -2.33 -30.00
C GLU A 229 1.41 -3.66 -30.68
N MET A 230 0.43 -4.57 -30.74
CA MET A 230 0.65 -5.81 -31.49
C MET A 230 0.96 -5.48 -32.94
N LYS A 231 0.27 -4.49 -33.51
CA LYS A 231 0.53 -4.14 -34.91
C LYS A 231 1.92 -3.53 -35.07
N THR A 232 2.27 -2.56 -34.24
CA THR A 232 3.56 -1.90 -34.41
C THR A 232 4.71 -2.83 -34.07
N SER A 233 4.52 -3.68 -33.06
CA SER A 233 5.61 -4.57 -32.72
C SER A 233 5.92 -5.58 -33.84
N GLU A 234 4.94 -5.95 -34.66
CA GLU A 234 5.20 -6.95 -35.69
C GLU A 234 5.94 -6.33 -36.87
N GLN A 235 5.95 -5.01 -36.97
CA GLN A 235 6.46 -4.34 -38.17
C GLN A 235 7.97 -4.19 -38.15
N SER A 236 8.62 -4.48 -37.02
CA SER A 236 10.07 -4.44 -36.94
C SER A 236 10.50 -5.26 -35.74
N SER A 237 11.81 -5.35 -35.56
CA SER A 237 12.37 -5.99 -34.39
C SER A 237 12.66 -5.02 -33.24
N ASP A 238 12.12 -3.79 -33.31
CA ASP A 238 12.41 -2.77 -32.31
C ASP A 238 11.95 -3.26 -30.93
N ILE A 239 10.90 -4.10 -30.89
CA ILE A 239 10.33 -4.63 -29.64
C ILE A 239 11.28 -5.53 -28.89
N GLU A 240 12.11 -6.25 -29.60
CA GLU A 240 12.93 -7.27 -28.98
C GLU A 240 13.97 -6.66 -28.04
N LYS A 241 14.12 -7.29 -26.88
CA LYS A 241 15.07 -6.88 -25.87
C LYS A 241 15.61 -8.13 -25.22
N SER A 242 16.83 -8.03 -24.74
CA SER A 242 17.55 -9.20 -24.34
C SER A 242 17.77 -9.24 -22.83
N TYR A 243 18.07 -10.45 -22.37
CA TYR A 243 18.26 -10.67 -20.95
C TYR A 243 19.30 -11.77 -20.80
N GLU A 244 20.22 -11.58 -19.87
CA GLU A 244 21.27 -12.55 -19.64
C GLU A 244 20.87 -13.50 -18.54
N LEU A 245 20.78 -14.79 -18.87
CA LEU A 245 20.41 -15.82 -17.92
C LEU A 245 21.57 -16.07 -16.97
N PRO A 246 21.31 -16.77 -15.86
CA PRO A 246 22.39 -17.07 -14.91
C PRO A 246 23.53 -17.86 -15.51
N ASP A 247 23.28 -18.70 -16.52
CA ASP A 247 24.33 -19.48 -17.16
C ASP A 247 25.02 -18.73 -18.28
N GLY A 248 24.80 -17.41 -18.38
CA GLY A 248 25.41 -16.59 -19.40
C GLY A 248 24.72 -16.62 -20.76
N ASN A 249 23.79 -17.55 -21.00
CA ASN A 249 23.01 -17.48 -22.23
C ASN A 249 22.15 -16.21 -22.24
N ILE A 250 21.86 -15.73 -23.43
CA ILE A 250 21.01 -14.57 -23.65
C ILE A 250 19.67 -15.05 -24.19
N ILE A 251 18.59 -14.55 -23.62
CA ILE A 251 17.24 -14.76 -24.14
C ILE A 251 16.77 -13.45 -24.74
N THR A 252 16.03 -13.55 -25.83
CA THR A 252 15.40 -12.38 -26.42
C THR A 252 13.89 -12.52 -26.30
N VAL A 253 13.25 -11.41 -25.91
CA VAL A 253 11.81 -11.35 -25.71
C VAL A 253 11.25 -10.23 -26.59
N GLY A 254 10.15 -10.53 -27.27
CA GLY A 254 9.48 -9.56 -28.12
C GLY A 254 8.14 -9.11 -27.56
N ASN A 255 7.06 -9.41 -28.29
CA ASN A 255 5.75 -8.94 -27.84
C ASN A 255 5.31 -9.57 -26.54
N GLU A 256 5.99 -10.60 -26.07
CA GLU A 256 5.68 -11.10 -24.74
C GLU A 256 5.88 -10.02 -23.69
N ARG A 257 6.73 -9.03 -23.97
CA ARG A 257 7.01 -7.98 -23.01
C ARG A 257 5.74 -7.25 -22.55
N PHE A 258 4.80 -7.01 -23.49
CA PHE A 258 3.54 -6.35 -23.14
C PHE A 258 2.35 -7.29 -23.14
N ARG A 259 2.45 -8.47 -23.79
CA ARG A 259 1.36 -9.42 -23.69
C ARG A 259 1.24 -9.97 -22.28
N CYS A 260 2.37 -10.12 -21.58
CA CYS A 260 2.31 -10.66 -20.22
C CYS A 260 1.49 -9.79 -19.29
N PRO A 261 1.82 -8.52 -19.07
CA PRO A 261 1.00 -7.71 -18.15
C PRO A 261 -0.36 -7.30 -18.71
N GLU A 262 -0.59 -7.51 -20.02
CA GLU A 262 -1.90 -7.27 -20.58
C GLU A 262 -2.95 -8.14 -19.89
N ALA A 263 -2.54 -9.26 -19.31
CA ALA A 263 -3.52 -10.09 -18.62
C ALA A 263 -4.18 -9.39 -17.43
N LEU A 264 -3.54 -8.37 -16.84
CA LEU A 264 -4.20 -7.57 -15.81
C LEU A 264 -5.47 -6.92 -16.33
N PHE A 265 -5.47 -6.55 -17.61
CA PHE A 265 -6.61 -5.94 -18.26
C PHE A 265 -7.51 -6.95 -18.95
N GLN A 266 -6.95 -8.07 -19.41
CA GLN A 266 -7.68 -9.13 -20.11
C GLN A 266 -7.39 -10.46 -19.46
N PRO A 267 -8.05 -10.74 -18.32
CA PRO A 267 -7.76 -12.01 -17.63
C PRO A 267 -8.11 -13.23 -18.44
N SER A 268 -8.88 -13.08 -19.51
CA SER A 268 -9.16 -14.19 -20.41
C SER A 268 -7.87 -14.75 -21.00
N PHE A 269 -6.81 -13.94 -21.08
CA PHE A 269 -5.53 -14.47 -21.51
C PHE A 269 -5.06 -15.62 -20.63
N LEU A 270 -5.42 -15.61 -19.34
CA LEU A 270 -5.08 -16.64 -18.37
C LEU A 270 -6.17 -17.70 -18.27
N GLY A 271 -7.19 -17.66 -19.11
CA GLY A 271 -8.29 -18.59 -18.94
C GLY A 271 -9.18 -18.25 -17.77
N LYS A 272 -9.19 -17.00 -17.33
CA LYS A 272 -10.05 -16.55 -16.25
C LYS A 272 -11.23 -15.77 -16.81
N GLU A 273 -12.39 -15.92 -16.18
CA GLU A 273 -13.54 -15.12 -16.53
C GLU A 273 -13.56 -13.79 -15.80
N ALA A 274 -12.56 -13.54 -14.96
CA ALA A 274 -12.60 -12.37 -14.10
C ALA A 274 -12.48 -11.07 -14.90
N ALA A 275 -13.02 -10.02 -14.31
CA ALA A 275 -12.87 -8.68 -14.85
C ALA A 275 -11.44 -8.19 -14.67
N GLY A 276 -10.99 -7.35 -15.60
CA GLY A 276 -9.66 -6.76 -15.51
C GLY A 276 -9.58 -5.63 -14.49
N ILE A 277 -8.36 -5.09 -14.30
N ILE A 277 -8.36 -5.10 -14.36
CA ILE A 277 -8.17 -4.14 -13.19
CA ILE A 277 -8.09 -4.15 -13.28
C ILE A 277 -8.91 -2.82 -13.47
C ILE A 277 -8.89 -2.86 -13.48
N HIS A 278 -9.06 -2.43 -14.73
CA HIS A 278 -9.82 -1.22 -15.01
C HIS A 278 -11.30 -1.39 -14.67
N THR A 279 -11.90 -2.48 -15.16
CA THR A 279 -13.28 -2.78 -14.87
C THR A 279 -13.49 -2.92 -13.37
N THR A 280 -12.56 -3.60 -12.68
CA THR A 280 -12.71 -3.82 -11.25
C THR A 280 -12.69 -2.50 -10.49
N THR A 281 -11.75 -1.61 -10.86
CA THR A 281 -11.68 -0.30 -10.20
C THR A 281 -12.98 0.46 -10.40
N PHE A 282 -13.50 0.46 -11.63
CA PHE A 282 -14.77 1.09 -11.95
C PHE A 282 -15.90 0.52 -11.09
N ASN A 283 -16.02 -0.82 -11.03
CA ASN A 283 -17.07 -1.45 -10.25
C ASN A 283 -16.95 -1.07 -8.77
N SER A 284 -15.72 -1.04 -8.22
N SER A 284 -15.72 -0.97 -8.29
CA SER A 284 -15.51 -0.68 -6.81
CA SER A 284 -15.47 -0.67 -6.90
C SER A 284 -15.99 0.74 -6.51
C SER A 284 -15.94 0.73 -6.55
N ILE A 285 -15.60 1.71 -7.38
CA ILE A 285 -16.08 3.06 -7.20
C ILE A 285 -17.59 3.15 -7.27
N LYS A 286 -18.22 2.40 -8.19
CA LYS A 286 -19.68 2.43 -8.33
C LYS A 286 -20.39 1.90 -7.09
N LYS A 287 -19.74 1.07 -6.28
N LYS A 287 -19.73 1.05 -6.28
N LYS A 287 -19.75 1.04 -6.29
CA LYS A 287 -20.38 0.60 -5.07
CA LYS A 287 -20.36 0.58 -5.04
CA LYS A 287 -20.42 0.60 -5.06
C LYS A 287 -20.43 1.66 -3.97
C LYS A 287 -20.48 1.69 -3.99
C LYS A 287 -20.47 1.69 -3.98
N CYS A 288 -19.72 2.77 -4.15
CA CYS A 288 -19.74 3.88 -3.22
C CYS A 288 -20.82 4.88 -3.66
N ASP A 289 -21.39 5.58 -2.69
CA ASP A 289 -22.52 6.45 -3.05
C ASP A 289 -22.05 7.55 -3.99
N VAL A 290 -22.99 7.99 -4.84
CA VAL A 290 -22.63 8.89 -5.94
C VAL A 290 -21.97 10.16 -5.43
N ASP A 291 -22.32 10.62 -4.23
CA ASP A 291 -21.79 11.89 -3.75
C ASP A 291 -20.32 11.86 -3.40
N ILE A 292 -19.68 10.68 -3.31
CA ILE A 292 -18.25 10.63 -3.04
C ILE A 292 -17.43 10.10 -4.19
N ARG A 293 -18.06 9.71 -5.31
CA ARG A 293 -17.29 9.08 -6.38
C ARG A 293 -16.25 10.02 -7.01
N LYS A 294 -16.58 11.32 -7.11
CA LYS A 294 -15.63 12.23 -7.73
C LYS A 294 -14.30 12.21 -7.03
N ASP A 295 -14.34 12.16 -5.69
CA ASP A 295 -13.08 12.14 -4.95
C ASP A 295 -12.33 10.80 -5.14
N LEU A 296 -13.05 9.70 -5.41
CA LEU A 296 -12.36 8.44 -5.65
C LEU A 296 -11.72 8.44 -7.04
N TYR A 297 -12.49 8.88 -8.05
CA TYR A 297 -11.97 8.90 -9.41
C TYR A 297 -10.75 9.81 -9.53
N GLY A 298 -10.71 10.87 -8.74
CA GLY A 298 -9.64 11.84 -8.75
C GLY A 298 -8.46 11.47 -7.91
N ASN A 299 -8.56 10.32 -7.24
CA ASN A 299 -7.48 9.84 -6.36
C ASN A 299 -7.34 8.31 -6.46
N ILE A 300 -7.05 7.80 -7.64
CA ILE A 300 -6.83 6.38 -7.87
C ILE A 300 -5.34 6.16 -7.63
N VAL A 301 -4.99 5.47 -6.55
CA VAL A 301 -3.60 5.37 -6.12
C VAL A 301 -3.12 3.94 -6.33
N LEU A 302 -2.05 3.76 -7.07
CA LEU A 302 -1.47 2.46 -7.32
C LEU A 302 -0.53 2.09 -6.19
N SER A 303 -0.57 0.82 -5.76
N SER A 303 -0.55 0.83 -5.80
CA SER A 303 0.28 0.30 -4.71
CA SER A 303 0.41 0.33 -4.85
C SER A 303 0.71 -1.12 -5.07
C SER A 303 0.77 -1.11 -5.16
N GLY A 304 1.93 -1.50 -4.70
CA GLY A 304 2.36 -2.88 -4.81
C GLY A 304 3.22 -3.15 -6.03
N GLY A 305 3.97 -4.24 -5.97
CA GLY A 305 4.94 -4.51 -7.00
C GLY A 305 4.36 -4.70 -8.38
N THR A 306 3.16 -5.26 -8.46
CA THR A 306 2.59 -5.56 -9.76
C THR A 306 2.03 -4.31 -10.43
N THR A 307 2.02 -3.16 -9.74
CA THR A 307 1.72 -1.89 -10.38
C THR A 307 2.97 -1.20 -10.91
N MET A 308 4.13 -1.85 -10.90
CA MET A 308 5.38 -1.18 -11.27
C MET A 308 5.63 -1.10 -12.75
N TYR A 309 4.82 -1.75 -13.59
CA TYR A 309 5.09 -1.76 -15.04
C TYR A 309 5.06 -0.36 -15.60
N GLU A 310 6.07 -0.06 -16.43
CA GLU A 310 6.04 1.14 -17.24
C GLU A 310 4.76 1.16 -18.06
N GLY A 311 4.15 2.32 -18.13
CA GLY A 311 2.98 2.49 -18.92
C GLY A 311 1.67 2.26 -18.20
N ILE A 312 1.69 1.75 -16.96
CA ILE A 312 0.45 1.38 -16.29
C ILE A 312 -0.47 2.58 -16.04
N GLY A 313 0.08 3.72 -15.62
CA GLY A 313 -0.78 4.86 -15.27
C GLY A 313 -1.52 5.41 -16.47
N GLU A 314 -0.80 5.55 -17.59
N GLU A 314 -0.81 5.56 -17.60
CA GLU A 314 -1.37 6.04 -18.83
CA GLU A 314 -1.44 6.08 -18.81
C GLU A 314 -2.46 5.10 -19.34
C GLU A 314 -2.48 5.11 -19.37
N ARG A 315 -2.20 3.79 -19.32
CA ARG A 315 -3.17 2.82 -19.80
C ARG A 315 -4.42 2.79 -18.89
N LEU A 316 -4.19 2.72 -17.58
N LEU A 316 -4.18 2.75 -17.59
CA LEU A 316 -5.31 2.74 -16.65
CA LEU A 316 -5.30 2.74 -16.65
C LEU A 316 -6.15 3.99 -16.82
C LEU A 316 -6.14 4.00 -16.79
N THR A 317 -5.50 5.14 -17.05
CA THR A 317 -6.25 6.39 -17.20
C THR A 317 -7.15 6.31 -18.42
N ARG A 318 -6.61 5.88 -19.57
CA ARG A 318 -7.43 5.71 -20.75
C ARG A 318 -8.62 4.81 -20.47
N ASP A 319 -8.36 3.65 -19.88
CA ASP A 319 -9.41 2.65 -19.76
C ASP A 319 -10.48 3.04 -18.74
N ILE A 320 -10.09 3.62 -17.61
CA ILE A 320 -11.09 4.04 -16.62
C ILE A 320 -11.86 5.26 -17.11
N THR A 321 -11.19 6.16 -17.85
CA THR A 321 -11.88 7.29 -18.44
C THR A 321 -12.97 6.84 -19.42
N THR A 322 -12.68 5.82 -20.24
CA THR A 322 -13.68 5.27 -21.13
C THR A 322 -14.89 4.74 -20.37
N LEU A 323 -14.64 4.00 -19.27
CA LEU A 323 -15.75 3.40 -18.52
C LEU A 323 -16.55 4.42 -17.69
N ALA A 324 -15.90 5.41 -17.13
CA ALA A 324 -16.52 6.30 -16.17
C ALA A 324 -17.35 7.37 -16.88
N PRO A 325 -18.35 7.91 -16.21
CA PRO A 325 -19.08 9.04 -16.77
C PRO A 325 -18.10 10.12 -17.18
N SER A 326 -18.39 10.80 -18.28
N SER A 326 -18.42 10.83 -18.26
CA SER A 326 -17.46 11.77 -18.78
CA SER A 326 -17.51 11.82 -18.81
C SER A 326 -17.37 13.07 -17.97
C SER A 326 -17.31 13.02 -17.89
N THR A 327 -18.23 13.28 -16.97
CA THR A 327 -18.09 14.39 -16.03
C THR A 327 -17.03 14.15 -14.97
N MET A 328 -16.62 12.90 -14.77
CA MET A 328 -15.61 12.62 -13.75
C MET A 328 -14.24 13.00 -14.24
N LYS A 329 -13.40 13.40 -13.29
CA LYS A 329 -12.01 13.72 -13.54
C LYS A 329 -11.20 12.55 -13.03
N ILE A 330 -10.58 11.83 -13.94
CA ILE A 330 -9.84 10.60 -13.61
C ILE A 330 -8.41 11.01 -13.36
N LYS A 331 -7.87 10.65 -12.19
CA LYS A 331 -6.47 10.88 -11.91
C LYS A 331 -5.91 9.62 -11.29
N VAL A 332 -4.97 8.99 -12.02
CA VAL A 332 -4.24 7.82 -11.55
C VAL A 332 -2.89 8.29 -11.04
N VAL A 333 -2.59 7.94 -9.80
CA VAL A 333 -1.41 8.36 -9.10
C VAL A 333 -0.49 7.15 -8.97
N ALA A 334 0.77 7.28 -9.39
CA ALA A 334 1.71 6.17 -9.45
C ALA A 334 2.94 6.59 -8.69
N PRO A 335 2.92 6.53 -7.36
CA PRO A 335 4.08 6.97 -6.57
C PRO A 335 5.32 6.15 -6.91
N PRO A 336 6.49 6.81 -6.99
CA PRO A 336 7.69 6.06 -7.38
C PRO A 336 8.08 4.95 -6.43
N GLU A 337 7.87 5.12 -5.13
N GLU A 337 7.78 5.11 -5.14
CA GLU A 337 8.17 4.06 -4.17
CA GLU A 337 8.13 4.14 -4.11
C GLU A 337 6.91 3.35 -3.75
C GLU A 337 7.07 3.08 -3.90
N ARG A 338 6.02 3.07 -4.72
CA ARG A 338 4.77 2.36 -4.41
C ARG A 338 4.95 0.88 -4.15
N LYS A 339 6.08 0.28 -4.54
CA LYS A 339 6.33 -1.12 -4.25
C LYS A 339 6.33 -1.39 -2.74
N TYR A 340 6.69 -0.40 -1.95
CA TYR A 340 6.77 -0.53 -0.50
C TYR A 340 5.84 0.44 0.22
N SER A 341 4.83 0.96 -0.46
CA SER A 341 4.05 2.01 0.17
C SER A 341 3.25 1.52 1.37
N VAL A 342 2.85 0.23 1.39
CA VAL A 342 2.18 -0.29 2.59
C VAL A 342 3.12 -0.16 3.77
N TRP A 343 4.33 -0.66 3.60
CA TRP A 343 5.29 -0.68 4.68
C TRP A 343 5.63 0.75 5.12
N ILE A 344 5.84 1.65 4.14
CA ILE A 344 6.13 3.06 4.46
C ILE A 344 5.00 3.71 5.28
N GLY A 345 3.73 3.49 4.85
CA GLY A 345 2.60 3.99 5.60
C GLY A 345 2.57 3.46 7.01
N GLY A 346 2.96 2.20 7.20
CA GLY A 346 3.07 1.64 8.54
C GLY A 346 4.17 2.31 9.36
N SER A 347 5.29 2.56 8.73
CA SER A 347 6.39 3.26 9.39
C SER A 347 5.97 4.67 9.84
N ILE A 348 5.25 5.39 8.99
CA ILE A 348 4.78 6.71 9.39
C ILE A 348 3.78 6.61 10.55
N LEU A 349 2.74 5.78 10.38
N LEU A 349 2.74 5.79 10.39
CA LEU A 349 1.69 5.68 11.38
CA LEU A 349 1.70 5.73 11.41
C LEU A 349 2.25 5.35 12.74
C LEU A 349 2.27 5.37 12.77
N SER A 350 3.14 4.37 12.80
CA SER A 350 3.70 3.88 14.05
C SER A 350 4.76 4.80 14.64
N SER A 351 5.20 5.81 13.90
CA SER A 351 6.09 6.86 14.42
C SER A 351 5.36 8.05 15.01
N LEU A 352 4.07 8.17 14.76
CA LEU A 352 3.36 9.36 15.24
C LEU A 352 3.31 9.41 16.75
N SER A 353 3.31 10.65 17.26
CA SER A 353 3.12 10.86 18.69
C SER A 353 1.83 10.28 19.23
N THR A 354 0.83 10.02 18.39
CA THR A 354 -0.43 9.41 18.81
C THR A 354 -0.48 7.88 18.73
N PHE A 355 0.55 7.24 18.21
CA PHE A 355 0.47 5.79 18.02
C PHE A 355 0.20 5.07 19.35
N GLN A 356 0.79 5.56 20.44
CA GLN A 356 0.62 4.93 21.75
C GLN A 356 -0.82 4.88 22.19
N GLN A 357 -1.68 5.73 21.65
CA GLN A 357 -3.10 5.66 21.98
C GLN A 357 -3.89 4.74 21.06
N MET A 358 -3.30 4.25 19.98
N MET A 358 -3.29 4.22 20.00
CA MET A 358 -4.01 3.42 19.01
CA MET A 358 -4.03 3.45 19.01
C MET A 358 -3.87 1.94 19.25
C MET A 358 -3.83 1.95 19.16
N TRP A 359 -2.78 1.52 19.85
CA TRP A 359 -2.48 0.10 20.00
C TRP A 359 -3.28 -0.55 21.12
N ILE A 360 -3.28 -1.89 21.08
CA ILE A 360 -3.78 -2.72 22.18
C ILE A 360 -2.57 -3.27 22.94
N THR A 361 -2.59 -3.16 24.29
CA THR A 361 -1.52 -3.76 25.09
C THR A 361 -1.81 -5.22 25.43
N LYS A 362 -0.73 -5.92 25.74
CA LYS A 362 -0.84 -7.32 26.12
C LYS A 362 -1.63 -7.47 27.40
N GLU A 363 -1.47 -6.53 28.33
CA GLU A 363 -2.20 -6.62 29.59
C GLU A 363 -3.70 -6.50 29.35
N GLU A 364 -4.11 -5.57 28.48
CA GLU A 364 -5.53 -5.45 28.14
C GLU A 364 -6.03 -6.72 27.47
N TYR A 365 -5.29 -7.21 26.48
CA TYR A 365 -5.70 -8.43 25.79
C TYR A 365 -5.86 -9.59 26.75
N ASP A 366 -4.85 -9.82 27.59
CA ASP A 366 -4.86 -10.97 28.48
C ASP A 366 -5.95 -10.89 29.50
N GLU A 367 -6.44 -9.70 29.83
CA GLU A 367 -7.55 -9.56 30.75
C GLU A 367 -8.88 -9.36 30.04
N SER A 368 -8.90 -9.34 28.71
CA SER A 368 -10.14 -9.09 27.98
C SER A 368 -11.14 -10.24 28.11
N GLU B 6 -5.42 12.12 24.43
CA GLU B 6 -4.49 12.60 25.45
C GLU B 6 -3.43 13.55 24.87
N HIS B 7 -3.21 13.49 23.55
CA HIS B 7 -2.28 14.42 22.90
C HIS B 7 -2.69 15.84 23.23
N PRO B 8 -1.81 16.65 23.80
CA PRO B 8 -2.19 18.00 24.23
C PRO B 8 -2.86 18.85 23.18
N GLU B 9 -2.47 18.72 21.91
CA GLU B 9 -3.06 19.62 20.92
C GLU B 9 -4.44 19.19 20.52
N PHE B 10 -4.73 17.87 20.56
CA PHE B 10 -6.09 17.41 20.40
C PHE B 10 -6.98 18.01 21.48
N LEU B 11 -6.49 18.03 22.71
CA LEU B 11 -7.30 18.58 23.79
C LEU B 11 -7.63 20.03 23.54
N LYS B 12 -6.78 20.76 22.79
CA LYS B 12 -7.07 22.16 22.48
C LYS B 12 -7.91 22.32 21.21
N ALA B 13 -8.08 21.27 20.41
CA ALA B 13 -8.67 21.45 19.08
C ALA B 13 -10.16 21.79 19.17
N GLY B 14 -10.55 22.86 18.50
CA GLY B 14 -11.96 23.04 18.16
C GLY B 14 -12.83 23.44 19.33
N LYS B 15 -12.25 24.11 20.32
CA LYS B 15 -12.99 24.52 21.50
C LYS B 15 -13.70 25.85 21.32
N GLU B 16 -13.13 26.74 20.50
CA GLU B 16 -13.66 28.07 20.26
C GLU B 16 -13.68 28.33 18.77
N PRO B 17 -14.54 29.21 18.30
CA PRO B 17 -14.45 29.64 16.90
C PRO B 17 -13.07 30.21 16.63
N GLY B 18 -12.57 29.95 15.42
CA GLY B 18 -11.29 30.50 15.03
C GLY B 18 -10.51 29.54 14.15
N LEU B 19 -9.20 29.80 14.10
CA LEU B 19 -8.33 29.17 13.12
C LEU B 19 -7.12 28.63 13.87
N GLN B 20 -6.89 27.32 13.73
CA GLN B 20 -5.78 26.63 14.38
C GLN B 20 -4.94 25.98 13.29
N ILE B 21 -3.63 26.23 13.33
CA ILE B 21 -2.69 25.69 12.35
C ILE B 21 -1.57 24.98 13.08
N TRP B 22 -1.33 23.75 12.67
CA TRP B 22 -0.21 22.99 13.17
C TRP B 22 0.68 22.60 12.01
N ARG B 23 1.96 22.45 12.30
CA ARG B 23 2.92 21.96 11.32
C ARG B 23 3.36 20.57 11.76
N VAL B 24 3.46 19.65 10.81
CA VAL B 24 4.06 18.37 11.08
C VAL B 24 5.55 18.58 11.30
N GLU B 25 6.05 18.12 12.45
CA GLU B 25 7.47 18.29 12.77
C GLU B 25 7.88 16.98 13.44
N LYS B 26 8.72 16.20 12.75
CA LYS B 26 9.29 14.95 13.30
C LYS B 26 8.17 14.10 13.91
N PHE B 27 7.14 13.86 13.11
CA PHE B 27 6.08 12.92 13.44
C PHE B 27 5.16 13.43 14.55
N ASP B 28 5.11 14.73 14.77
CA ASP B 28 4.25 15.31 15.78
C ASP B 28 3.56 16.54 15.19
N LEU B 29 2.47 16.92 15.84
CA LEU B 29 1.73 18.13 15.48
C LEU B 29 2.15 19.27 16.38
N VAL B 30 2.72 20.31 15.81
CA VAL B 30 3.31 21.40 16.57
C VAL B 30 2.61 22.70 16.17
N PRO B 31 2.03 23.44 17.10
CA PRO B 31 1.35 24.70 16.74
C PRO B 31 2.26 25.61 15.95
N VAL B 32 1.70 26.24 14.92
CA VAL B 32 2.42 27.29 14.20
C VAL B 32 2.30 28.58 14.98
N PRO B 33 3.40 29.33 15.18
CA PRO B 33 3.28 30.64 15.80
C PRO B 33 2.27 31.49 15.07
N PRO B 34 1.34 32.11 15.78
CA PRO B 34 0.32 32.91 15.10
C PRO B 34 0.87 34.02 14.21
N ASN B 35 2.04 34.59 14.52
CA ASN B 35 2.60 35.61 13.64
C ASN B 35 2.94 35.08 12.25
N LEU B 36 3.00 33.77 12.05
CA LEU B 36 3.34 33.18 10.75
C LEU B 36 2.12 32.68 9.98
N TYR B 37 0.90 32.82 10.55
CA TYR B 37 -0.30 32.32 9.89
C TYR B 37 -0.42 32.90 8.49
N GLY B 38 -0.66 32.04 7.54
CA GLY B 38 -0.78 32.44 6.14
C GLY B 38 0.48 32.27 5.30
N ASP B 39 1.64 32.22 5.93
N ASP B 39 1.64 32.09 5.91
CA ASP B 39 2.90 31.88 5.29
CA ASP B 39 2.93 32.02 5.20
C ASP B 39 3.14 30.40 5.52
C ASP B 39 3.53 30.63 5.42
N PHE B 40 3.44 29.67 4.45
N PHE B 40 3.29 29.74 4.47
CA PHE B 40 3.60 28.22 4.49
CA PHE B 40 3.67 28.34 4.61
C PHE B 40 4.91 27.79 3.83
C PHE B 40 5.03 28.01 3.97
N PHE B 41 5.73 27.05 4.57
CA PHE B 41 7.00 26.59 4.03
C PHE B 41 6.73 25.52 2.97
N THR B 42 7.29 25.70 1.77
N THR B 42 7.29 25.71 1.77
CA THR B 42 7.10 24.73 0.70
CA THR B 42 7.08 24.75 0.70
C THR B 42 7.67 23.36 1.05
C THR B 42 7.65 23.38 1.05
N GLY B 43 8.61 23.31 1.97
CA GLY B 43 9.21 22.08 2.46
C GLY B 43 8.41 21.34 3.48
N ASP B 44 7.23 21.80 3.84
CA ASP B 44 6.51 21.24 4.97
C ASP B 44 5.06 20.90 4.68
N ALA B 45 4.45 20.17 5.60
CA ALA B 45 3.03 19.85 5.59
C ALA B 45 2.38 20.33 6.88
N TYR B 46 1.12 20.74 6.78
CA TYR B 46 0.41 21.39 7.87
C TYR B 46 -1.00 20.82 7.99
N VAL B 47 -1.57 20.98 9.17
CA VAL B 47 -2.96 20.65 9.45
C VAL B 47 -3.65 21.92 9.97
N ILE B 48 -4.83 22.22 9.40
CA ILE B 48 -5.54 23.45 9.68
C ILE B 48 -6.96 23.09 10.09
N LEU B 49 -7.38 23.56 11.25
CA LEU B 49 -8.77 23.40 11.68
C LEU B 49 -9.44 24.76 11.77
N LYS B 50 -10.50 24.95 10.97
CA LYS B 50 -11.32 26.14 11.03
C LYS B 50 -12.59 25.78 11.78
N THR B 51 -12.86 26.47 12.89
CA THR B 51 -14.04 26.24 13.69
C THR B 51 -14.98 27.42 13.53
N VAL B 52 -16.26 27.12 13.29
CA VAL B 52 -17.28 28.14 13.09
C VAL B 52 -18.42 27.90 14.07
N GLN B 53 -18.97 28.99 14.60
CA GLN B 53 -20.04 28.89 15.61
C GLN B 53 -21.43 28.75 14.96
N LEU B 59 -21.03 24.32 16.83
CA LEU B 59 -19.69 24.39 16.22
C LEU B 59 -19.54 23.51 14.96
N GLN B 60 -19.16 24.14 13.85
CA GLN B 60 -18.85 23.49 12.59
C GLN B 60 -17.34 23.39 12.43
N TYR B 61 -16.87 22.29 11.84
CA TYR B 61 -15.43 22.05 11.72
C TYR B 61 -15.05 21.72 10.29
N ASP B 62 -13.98 22.35 9.80
CA ASP B 62 -13.37 22.01 8.51
C ASP B 62 -11.89 21.81 8.73
N LEU B 63 -11.41 20.62 8.39
CA LEU B 63 -10.00 20.26 8.52
C LEU B 63 -9.39 20.26 7.14
N HIS B 64 -8.29 20.98 6.98
CA HIS B 64 -7.54 20.98 5.74
C HIS B 64 -6.13 20.55 6.05
N TYR B 65 -5.56 19.70 5.21
CA TYR B 65 -4.16 19.38 5.31
C TYR B 65 -3.46 19.88 4.07
N TRP B 66 -2.43 20.68 4.28
CA TRP B 66 -1.80 21.44 3.24
C TRP B 66 -0.43 20.83 3.00
N LEU B 67 -0.12 20.53 1.74
CA LEU B 67 1.11 19.81 1.37
C LEU B 67 1.99 20.70 0.52
N GLY B 68 3.13 21.09 1.07
CA GLY B 68 4.09 21.85 0.27
C GLY B 68 4.73 21.02 -0.82
N ASN B 69 5.10 21.68 -1.91
CA ASN B 69 5.67 21.01 -3.07
C ASN B 69 6.92 20.24 -2.76
N GLU B 70 7.65 20.61 -1.70
CA GLU B 70 8.87 19.94 -1.34
C GLU B 70 8.81 19.24 0.00
N CYS B 71 7.62 19.01 0.54
CA CYS B 71 7.58 18.33 1.82
C CYS B 71 7.89 16.86 1.62
N SER B 72 8.41 16.22 2.67
CA SER B 72 8.82 14.84 2.57
C SER B 72 7.64 13.93 2.86
N GLN B 73 7.80 12.65 2.45
CA GLN B 73 6.71 11.70 2.47
C GLN B 73 6.21 11.46 3.90
N ASP B 74 7.13 11.47 4.87
CA ASP B 74 6.70 11.33 6.26
C ASP B 74 5.79 12.48 6.69
N GLU B 75 6.05 13.69 6.18
CA GLU B 75 5.28 14.86 6.55
C GLU B 75 3.90 14.84 5.92
N SER B 76 3.82 14.56 4.61
CA SER B 76 2.49 14.51 3.99
C SER B 76 1.66 13.33 4.49
N GLY B 77 2.30 12.18 4.70
CA GLY B 77 1.59 11.06 5.32
C GLY B 77 1.10 11.35 6.73
N ALA B 78 1.95 11.97 7.58
CA ALA B 78 1.53 12.31 8.92
C ALA B 78 0.41 13.33 8.91
N ALA B 79 0.48 14.30 7.99
CA ALA B 79 -0.59 15.27 7.91
C ALA B 79 -1.93 14.62 7.60
N ALA B 80 -1.94 13.68 6.64
CA ALA B 80 -3.15 12.92 6.33
C ALA B 80 -3.64 12.14 7.56
N ILE B 81 -2.73 11.45 8.25
CA ILE B 81 -3.17 10.63 9.37
C ILE B 81 -3.63 11.50 10.52
N PHE B 82 -2.89 12.57 10.86
CA PHE B 82 -3.37 13.46 11.92
C PHE B 82 -4.75 14.06 11.61
N THR B 83 -5.00 14.34 10.33
CA THR B 83 -6.30 14.86 9.94
C THR B 83 -7.41 13.87 10.29
N VAL B 84 -7.19 12.59 9.95
CA VAL B 84 -8.17 11.54 10.30
C VAL B 84 -8.32 11.46 11.80
N GLN B 85 -7.21 11.44 12.52
CA GLN B 85 -7.30 11.34 13.99
C GLN B 85 -8.02 12.52 14.64
N LEU B 86 -7.78 13.74 14.18
CA LEU B 86 -8.49 14.90 14.68
C LEU B 86 -9.98 14.81 14.37
N ASP B 87 -10.31 14.41 13.16
CA ASP B 87 -11.72 14.26 12.80
C ASP B 87 -12.39 13.27 13.77
N ASP B 88 -11.74 12.13 14.01
CA ASP B 88 -12.33 11.15 14.92
C ASP B 88 -12.48 11.76 16.31
N TYR B 89 -11.47 12.48 16.78
CA TYR B 89 -11.56 13.13 18.08
C TYR B 89 -12.74 14.09 18.14
N LEU B 90 -13.08 14.73 17.01
CA LEU B 90 -14.23 15.60 16.88
C LEU B 90 -15.49 14.83 16.47
N ASN B 91 -15.53 13.52 16.74
CA ASN B 91 -16.71 12.71 16.54
C ASN B 91 -17.08 12.57 15.07
N GLY B 92 -16.09 12.64 14.17
CA GLY B 92 -16.34 12.52 12.76
C GLY B 92 -17.00 13.72 12.12
N ARG B 93 -17.22 14.80 12.86
N ARG B 93 -17.16 14.81 12.84
CA ARG B 93 -18.02 15.93 12.38
CA ARG B 93 -18.00 15.91 12.40
C ARG B 93 -17.27 16.84 11.42
C ARG B 93 -17.25 16.94 11.56
N ALA B 94 -15.95 16.72 11.30
CA ALA B 94 -15.22 17.64 10.46
C ALA B 94 -15.29 17.13 9.02
N VAL B 95 -15.34 18.04 8.09
CA VAL B 95 -15.12 17.71 6.70
C VAL B 95 -13.64 17.90 6.38
N GLN B 96 -13.05 16.90 5.74
CA GLN B 96 -11.63 16.88 5.43
C GLN B 96 -11.36 17.39 4.02
N HIS B 97 -10.28 18.17 3.89
CA HIS B 97 -9.93 18.77 2.60
C HIS B 97 -8.43 18.65 2.39
N ARG B 98 -8.04 18.09 1.25
CA ARG B 98 -6.64 18.06 0.86
C ARG B 98 -6.33 19.33 0.08
N GLU B 99 -5.25 20.03 0.49
CA GLU B 99 -4.85 21.29 -0.15
C GLU B 99 -3.41 21.13 -0.62
N VAL B 100 -3.20 21.26 -1.90
CA VAL B 100 -1.87 21.15 -2.50
C VAL B 100 -1.37 22.57 -2.81
N GLN B 101 -0.09 22.83 -2.51
CA GLN B 101 0.47 24.18 -2.73
C GLN B 101 0.12 24.66 -4.14
N GLY B 102 -0.43 25.87 -4.23
CA GLY B 102 -0.73 26.51 -5.50
C GLY B 102 -2.05 26.11 -6.13
N PHE B 103 -2.75 25.12 -5.57
CA PHE B 103 -4.06 24.66 -6.02
C PHE B 103 -5.06 24.58 -4.86
N GLU B 104 -4.90 25.44 -3.87
CA GLU B 104 -5.75 25.41 -2.70
C GLU B 104 -7.17 25.85 -3.05
N SER B 105 -8.13 25.30 -2.33
CA SER B 105 -9.52 25.74 -2.43
C SER B 105 -9.69 27.23 -2.09
N SER B 106 -10.68 27.85 -2.72
CA SER B 106 -11.01 29.23 -2.37
C SER B 106 -11.40 29.37 -0.89
N THR B 107 -12.02 28.34 -0.31
CA THR B 107 -12.34 28.41 1.12
C THR B 107 -11.07 28.52 1.96
N PHE B 108 -10.06 27.71 1.63
CA PHE B 108 -8.83 27.71 2.41
C PHE B 108 -8.11 29.05 2.26
N SER B 109 -8.02 29.54 1.02
CA SER B 109 -7.40 30.82 0.77
C SER B 109 -8.10 31.93 1.53
N GLY B 110 -9.42 31.83 1.63
CA GLY B 110 -10.25 32.79 2.30
C GLY B 110 -10.04 32.87 3.79
N TYR B 111 -9.34 31.90 4.39
CA TYR B 111 -9.08 31.99 5.82
C TYR B 111 -8.03 33.05 6.15
N PHE B 112 -7.27 33.52 5.15
CA PHE B 112 -6.12 34.39 5.40
C PHE B 112 -6.36 35.72 4.71
N LYS B 113 -6.50 36.78 5.52
CA LYS B 113 -6.81 38.12 4.99
C LYS B 113 -5.80 38.55 3.94
N SER B 114 -4.52 38.30 4.20
CA SER B 114 -3.40 38.67 3.34
C SER B 114 -3.16 37.66 2.21
N GLY B 115 -3.95 36.60 2.12
CA GLY B 115 -3.78 35.61 1.11
C GLY B 115 -2.69 34.62 1.50
N LEU B 116 -2.57 33.59 0.69
CA LEU B 116 -1.62 32.55 0.97
C LEU B 116 -0.29 32.93 0.37
N LYS B 117 0.77 32.69 1.12
CA LYS B 117 2.13 32.90 0.65
C LYS B 117 2.98 31.70 1.02
N TYR B 118 4.08 31.56 0.34
CA TYR B 118 4.95 30.40 0.47
C TYR B 118 6.36 30.89 0.75
N LYS B 119 7.12 30.07 1.48
CA LYS B 119 8.50 30.41 1.81
C LYS B 119 9.37 29.20 1.51
N LYS B 120 10.65 29.47 1.20
N LYS B 120 10.63 29.44 1.13
CA LYS B 120 11.58 28.38 0.97
CA LYS B 120 11.52 28.30 0.90
C LYS B 120 11.97 27.72 2.28
C LYS B 120 11.97 27.72 2.23
N GLY B 121 12.19 26.41 2.22
CA GLY B 121 12.73 25.72 3.37
C GLY B 121 11.66 24.97 4.12
N GLY B 122 11.95 24.73 5.38
CA GLY B 122 11.07 23.94 6.22
C GLY B 122 11.83 23.18 7.28
N VAL B 123 11.05 22.54 8.13
CA VAL B 123 11.60 21.68 9.17
C VAL B 123 12.09 20.38 8.56
N ALA B 124 13.11 19.79 9.16
CA ALA B 124 13.71 18.58 8.61
C ALA B 124 12.76 17.36 8.64
N SER B 125 12.92 16.52 7.62
CA SER B 125 12.20 15.25 7.56
C SER B 125 12.48 14.42 8.80
N GLY B 126 11.46 13.72 9.29
CA GLY B 126 11.65 12.69 10.28
C GLY B 126 12.29 11.44 9.73
N PHE B 127 12.17 11.19 8.43
CA PHE B 127 12.79 10.05 7.78
C PHE B 127 14.27 10.29 7.63
PB ADP C . 3.05 -8.93 -1.77
O1B ADP C . 1.81 -9.61 -2.17
O2B ADP C . 2.83 -7.81 -0.88
O3B ADP C . 4.16 -9.86 -1.24
PA ADP C . 4.44 -7.04 -3.53
O1A ADP C . 3.65 -5.77 -3.53
O2A ADP C . 5.70 -7.06 -2.72
O3A ADP C . 3.56 -8.34 -3.22
O5' ADP C . 4.77 -7.38 -5.07
C5' ADP C . 5.48 -8.54 -5.49
C4' ADP C . 5.06 -8.84 -6.93
O4' ADP C . 5.38 -7.66 -7.69
C3' ADP C . 5.82 -9.99 -7.55
O3' ADP C . 4.94 -10.74 -8.43
C2' ADP C . 6.89 -9.27 -8.35
O2' ADP C . 7.37 -10.02 -9.41
C1' ADP C . 6.12 -8.05 -8.82
N9 ADP C . 7.06 -6.98 -9.18
C8 ADP C . 8.03 -6.48 -8.41
N7 ADP C . 8.71 -5.49 -9.04
C5 ADP C . 8.17 -5.39 -10.26
C6 ADP C . 8.43 -4.59 -11.45
N6 ADP C . 9.42 -3.66 -11.44
N1 ADP C . 7.61 -4.76 -12.49
C2 ADP C . 6.59 -5.65 -12.49
N3 ADP C . 6.30 -6.45 -11.44
C4 ADP C . 7.06 -6.34 -10.36
H5'1 ADP C . 5.24 -9.39 -4.84
H5'2 ADP C . 6.55 -8.37 -5.43
H4' ADP C . 4.01 -9.11 -6.92
H3' ADP C . 6.22 -10.71 -6.83
H2' ADP C . 7.80 -9.04 -7.76
HO2' ADP C . 7.53 -9.43 -10.17
H1' ADP C . 5.51 -8.27 -9.71
H8 ADP C . 8.25 -6.83 -7.41
HN61 ADP C . 9.58 -3.08 -12.26
HN62 ADP C . 10.01 -3.55 -10.62
H2 ADP C . 5.98 -5.74 -13.38
MG MG D . 1.30 -6.51 -0.32
S SCN E . 15.03 -2.69 12.07
C SCN E . 16.20 -3.53 11.37
N SCN E . 17.10 -4.14 10.92
S SCN F . -6.24 0.43 8.97
C SCN F . -5.39 1.52 9.77
N SCN F . -4.81 2.35 10.35
S SCN G . 16.79 -22.50 -20.47
C SCN G . 17.08 -24.05 -20.07
N SCN G . 17.28 -25.17 -19.78
C1 BTB H . 18.07 -6.36 8.22
C1 BTB H . 18.11 -5.89 8.76
O1 BTB H . 18.80 -5.18 8.55
O1 BTB H . 18.85 -4.71 9.05
C2 BTB H . 19.12 -7.42 7.64
C2 BTB H . 19.13 -6.93 8.15
C3 BTB H . 20.21 -6.64 6.81
C3 BTB H . 20.35 -6.16 7.46
O3 BTB H . 20.67 -7.44 5.75
O3 BTB H . 21.22 -7.06 6.82
C4 BTB H . 18.31 -8.23 6.61
C4 BTB H . 18.31 -7.68 7.03
O4 BTB H . 18.30 -7.46 5.41
O4 BTB H . 17.32 -8.47 7.62
N BTB H . 19.72 -8.25 8.83
N BTB H . 19.63 -7.87 9.29
C5 BTB H . 20.62 -9.47 8.48
C5 BTB H . 20.56 -8.93 8.73
C6 BTB H . 21.89 -9.16 7.66
C6 BTB H . 20.28 -10.26 9.43
O6 BTB H . 22.88 -10.15 7.93
O6 BTB H . 19.46 -11.00 8.57
C7 BTB H . 20.47 -7.36 9.83
C7 BTB H . 20.44 -7.04 10.30
C8 BTB H . 20.54 -8.10 11.14
C8 BTB H . 20.37 -7.70 11.65
O8 BTB H . 21.80 -8.62 11.31
O8 BTB H . 21.25 -8.77 11.72
H11 BTB H . 17.55 -6.76 9.12
H11 BTB H . 17.61 -6.28 9.68
H12 BTB H . 17.28 -6.13 7.46
H12 BTB H . 17.29 -5.65 8.03
HO1 BTB H . 18.67 -4.56 7.85
HO1 BTB H . 18.59 -4.04 8.43
H31 BTB H . 21.04 -6.32 7.48
H31 BTB H . 20.87 -5.54 8.22
H32 BTB H . 19.78 -5.67 6.45
H32 BTB H . 19.93 -5.40 6.75
HO3 BTB H . 20.45 -6.94 4.96
HO3 BTB H . 20.90 -7.11 5.91
H41 BTB H . 17.26 -8.38 6.84
H41 BTB H . 18.89 -8.41 6.45
H42 BTB H . 18.77 -9.18 6.32
H42 BTB H . 17.76 -7.03 6.36
HO4 BTB H . 17.47 -6.98 5.37
HO4 BTB H . 17.51 -9.39 7.46
H51 BTB H . 19.99 -10.23 7.94
H51 BTB H . 21.62 -8.61 8.85
H52 BTB H . 20.87 -10.00 9.41
H52 BTB H . 20.46 -9.00 7.63
H61 BTB H . 22.26 -8.15 7.96
H61 BTB H . 19.77 -10.04 10.39
H62 BTB H . 21.62 -9.15 6.57
H62 BTB H . 21.24 -10.77 9.62
HO6 BTB H . 23.74 -9.73 7.92
HO6 BTB H . 19.95 -11.75 8.26
H71 BTB H . 21.50 -7.13 9.50
H71 BTB H . 21.50 -6.93 10.00
H72 BTB H . 19.99 -6.39 9.97
H72 BTB H . 20.08 -6.00 10.39
H81 BTB H . 20.23 -7.39 11.97
H81 BTB H . 20.57 -6.93 12.44
H82 BTB H . 19.72 -8.88 11.17
H82 BTB H . 19.31 -8.00 11.85
HO8 BTB H . 22.24 -7.87 11.68
HO8 BTB H . 21.66 -8.70 10.85
K K I . -16.52 7.93 -20.54
CA CA J . 10.00 19.48 5.80
CA CA K . -15.63 13.58 9.02
S SCN L . 2.43 28.88 -6.91
S SCN L . 5.78 29.02 -5.33
C SCN L . 3.31 27.68 -6.38
C SCN L . 4.23 28.59 -5.56
N SCN L . 4.01 26.83 -6.00
N SCN L . 3.13 28.25 -5.74
S SCN M . 6.09 26.98 12.09
C SCN M . 5.68 27.29 10.49
N SCN M . 5.28 27.58 9.43
#